data_1V5X
#
_entry.id   1V5X
#
_cell.length_a   144.205
_cell.length_b   144.205
_cell.length_c   144.205
_cell.angle_alpha   90.00
_cell.angle_beta   90.00
_cell.angle_gamma   90.00
#
_symmetry.space_group_name_H-M   'P 41 3 2'
#
loop_
_entity.id
_entity.type
_entity.pdbx_description
1 polymer 'Phosphoribosylanthranilate isomerase'
2 water water
#
_entity_poly.entity_id   1
_entity_poly.type   'polypeptide(L)'
_entity_poly.pdbx_seq_one_letter_code
;MRVKICGITRLEDALLAEALGAFALGFVLAPGSRRRIAPEAARAIGEALGPFVVRVGVFRDQPPEEVLRLMEEARLQVAQ
LHGEEPPEWAEAVGRFYPVIKAFPLEGPARPEWADYPAQALLLDGKRPGSGEAYPRAWAKPLLATGRRVILAGGIAPENL
EEVLALRPYALDLASGVEEAPGVKSAEKLRALFARLASLRMEG
;
_entity_poly.pdbx_strand_id   A,B
#
# COMPACT_ATOMS: atom_id res chain seq x y z
N MET A 1 -0.85 2.29 13.65
CA MET A 1 -0.27 3.48 12.98
C MET A 1 0.45 3.12 11.68
N ARG A 2 0.18 3.87 10.61
CA ARG A 2 0.82 3.60 9.33
C ARG A 2 2.28 4.04 9.36
N VAL A 3 3.15 3.18 8.86
CA VAL A 3 4.56 3.47 8.85
C VAL A 3 5.19 3.31 7.48
N LYS A 4 6.04 4.28 7.12
CA LYS A 4 6.75 4.22 5.87
C LYS A 4 8.24 4.16 6.21
N ILE A 5 8.96 3.26 5.55
CA ILE A 5 10.40 3.14 5.78
C ILE A 5 11.03 3.72 4.53
N CYS A 6 11.71 4.84 4.70
CA CYS A 6 12.34 5.54 3.57
C CYS A 6 13.82 5.19 3.39
N GLY A 7 14.38 5.63 2.27
CA GLY A 7 15.78 5.40 1.98
C GLY A 7 16.22 3.97 1.72
N ILE A 8 15.34 3.17 1.12
CA ILE A 8 15.66 1.78 0.82
C ILE A 8 16.68 1.70 -0.29
N THR A 9 17.72 0.91 -0.05
CA THR A 9 18.79 0.72 -1.02
C THR A 9 19.13 -0.76 -1.21
N ARG A 10 18.60 -1.62 -0.36
CA ARG A 10 18.87 -3.05 -0.44
C ARG A 10 17.63 -3.92 -0.32
N LEU A 11 17.59 -5.00 -1.09
CA LEU A 11 16.50 -5.96 -1.07
C LEU A 11 16.26 -6.41 0.38
N GLU A 12 17.35 -6.78 1.06
CA GLU A 12 17.31 -7.23 2.44
C GLU A 12 16.46 -6.33 3.36
N ASP A 13 16.68 -5.02 3.27
CA ASP A 13 15.94 -4.07 4.09
C ASP A 13 14.47 -3.93 3.67
N ALA A 14 14.24 -3.93 2.36
CA ALA A 14 12.88 -3.84 1.85
C ALA A 14 12.02 -4.99 2.34
N LEU A 15 12.56 -6.21 2.24
CA LEU A 15 11.82 -7.41 2.66
C LEU A 15 11.51 -7.44 4.16
N LEU A 16 12.47 -7.02 4.99
CA LEU A 16 12.24 -7.03 6.43
C LEU A 16 11.17 -6.00 6.79
N ALA A 17 11.33 -4.78 6.25
CA ALA A 17 10.36 -3.73 6.50
C ALA A 17 8.97 -4.21 6.11
N GLU A 18 8.87 -4.84 4.94
CA GLU A 18 7.59 -5.36 4.47
C GLU A 18 7.06 -6.40 5.45
N ALA A 19 7.90 -7.35 5.81
CA ALA A 19 7.50 -8.41 6.74
C ALA A 19 7.02 -7.86 8.09
N LEU A 20 7.66 -6.79 8.56
CA LEU A 20 7.29 -6.22 9.85
C LEU A 20 5.98 -5.43 9.80
N GLY A 21 5.46 -5.16 8.61
CA GLY A 21 4.20 -4.45 8.52
C GLY A 21 4.19 -3.03 8.02
N ALA A 22 5.24 -2.61 7.32
CA ALA A 22 5.29 -1.25 6.78
C ALA A 22 4.26 -1.11 5.66
N PHE A 23 3.59 0.03 5.58
CA PHE A 23 2.61 0.29 4.54
C PHE A 23 3.27 0.81 3.28
N ALA A 24 4.45 1.43 3.43
CA ALA A 24 5.15 2.00 2.28
C ALA A 24 6.68 1.95 2.41
N LEU A 25 7.35 2.00 1.27
CA LEU A 25 8.81 1.98 1.23
C LEU A 25 9.28 3.10 0.31
N GLY A 26 10.26 3.86 0.79
CA GLY A 26 10.79 4.95 0.00
C GLY A 26 12.06 4.62 -0.76
N PHE A 27 12.11 5.07 -2.01
CA PHE A 27 13.26 4.86 -2.88
C PHE A 27 13.71 6.23 -3.37
N VAL A 28 14.81 6.71 -2.80
CA VAL A 28 15.34 8.03 -3.15
C VAL A 28 16.02 8.06 -4.51
N LEU A 29 15.52 8.94 -5.38
CA LEU A 29 16.05 9.07 -6.72
C LEU A 29 16.55 10.50 -6.95
N ALA A 30 16.75 11.22 -5.86
CA ALA A 30 17.23 12.60 -5.91
C ALA A 30 18.76 12.64 -5.92
N PRO A 31 19.35 12.95 -7.09
CA PRO A 31 20.80 13.01 -7.23
C PRO A 31 21.41 13.89 -6.16
N GLY A 32 22.28 13.30 -5.33
CA GLY A 32 22.94 14.04 -4.27
C GLY A 32 22.57 13.63 -2.87
N SER A 33 21.75 12.59 -2.74
CA SER A 33 21.32 12.13 -1.42
C SER A 33 22.25 11.09 -0.80
N ARG A 34 22.16 10.94 0.52
CA ARG A 34 22.99 9.95 1.22
C ARG A 34 22.34 8.57 1.13
N ARG A 35 21.15 8.50 0.54
CA ARG A 35 20.41 7.25 0.42
C ARG A 35 19.93 6.99 -1.02
N ARG A 36 20.57 7.62 -1.99
CA ARG A 36 20.20 7.50 -3.40
C ARG A 36 20.34 6.06 -3.92
N ILE A 37 19.51 5.70 -4.90
CA ILE A 37 19.56 4.39 -5.52
C ILE A 37 19.21 4.47 -6.99
N ALA A 38 19.80 3.60 -7.80
CA ALA A 38 19.56 3.60 -9.24
C ALA A 38 18.13 3.18 -9.54
N PRO A 39 17.44 3.92 -10.43
CA PRO A 39 16.06 3.61 -10.79
C PRO A 39 15.86 2.15 -11.18
N GLU A 40 16.75 1.62 -12.01
CA GLU A 40 16.69 0.23 -12.43
C GLU A 40 16.78 -0.73 -11.23
N ALA A 41 17.57 -0.30 -10.23
CA ALA A 41 17.71 -1.10 -9.03
C ALA A 41 16.41 -1.11 -8.22
N ALA A 42 15.91 0.11 -7.94
CA ALA A 42 14.65 0.22 -7.21
C ALA A 42 13.56 -0.64 -7.86
N ARG A 43 13.65 -0.75 -9.20
CA ARG A 43 12.65 -1.57 -9.86
C ARG A 43 12.89 -3.06 -9.62
N ALA A 44 14.17 -3.48 -9.69
CA ALA A 44 14.47 -4.87 -9.40
C ALA A 44 13.94 -5.28 -8.03
N ILE A 45 14.24 -4.45 -7.01
CA ILE A 45 13.74 -4.72 -5.67
C ILE A 45 12.21 -4.79 -5.65
N GLY A 46 11.59 -3.92 -6.46
CA GLY A 46 10.14 -3.91 -6.52
C GLY A 46 9.60 -5.22 -7.06
N GLU A 47 10.25 -5.88 -8.01
CA GLU A 47 9.85 -7.18 -8.53
C GLU A 47 9.85 -8.24 -7.43
N ALA A 48 10.56 -7.95 -6.35
CA ALA A 48 10.69 -8.92 -5.27
C ALA A 48 9.69 -8.73 -4.15
N LEU A 49 9.00 -7.60 -4.16
CA LEU A 49 8.03 -7.28 -3.12
C LEU A 49 6.62 -7.79 -3.42
N GLY A 50 5.79 -7.88 -2.37
CA GLY A 50 4.41 -8.30 -2.56
C GLY A 50 3.60 -7.13 -3.10
N PRO A 51 2.38 -7.37 -3.60
CA PRO A 51 1.58 -6.26 -4.15
C PRO A 51 0.96 -5.29 -3.14
N PHE A 52 0.92 -5.66 -1.87
CA PHE A 52 0.30 -4.80 -0.87
C PHE A 52 1.23 -3.94 -0.02
N VAL A 53 2.16 -3.27 -0.68
CA VAL A 53 3.05 -2.35 -0.02
C VAL A 53 3.24 -1.27 -1.07
N VAL A 54 3.12 -0.02 -0.66
CA VAL A 54 3.25 1.10 -1.60
C VAL A 54 4.71 1.46 -1.83
N ARG A 55 5.06 1.62 -3.10
CA ARG A 55 6.41 1.98 -3.51
C ARG A 55 6.46 3.50 -3.74
N VAL A 56 7.18 4.21 -2.89
CA VAL A 56 7.30 5.67 -3.01
C VAL A 56 8.62 6.12 -3.63
N GLY A 57 8.54 7.00 -4.62
CA GLY A 57 9.75 7.52 -5.25
C GLY A 57 10.03 8.89 -4.66
N VAL A 58 11.26 9.13 -4.25
CA VAL A 58 11.61 10.42 -3.66
C VAL A 58 12.48 11.23 -4.61
N PHE A 59 12.06 12.46 -4.88
CA PHE A 59 12.76 13.35 -5.79
C PHE A 59 13.06 14.70 -5.15
N ARG A 60 13.84 15.53 -5.86
CA ARG A 60 14.13 16.85 -5.36
C ARG A 60 14.47 17.83 -6.50
N ASP A 61 13.60 18.82 -6.64
CA ASP A 61 13.72 19.84 -7.67
C ASP A 61 13.95 19.32 -9.07
N GLN A 62 13.23 18.26 -9.42
CA GLN A 62 13.32 17.67 -10.75
C GLN A 62 12.04 17.95 -11.55
N PRO A 63 12.19 18.41 -12.80
CA PRO A 63 11.02 18.71 -13.64
C PRO A 63 10.09 17.49 -13.77
N PRO A 64 8.77 17.74 -13.85
CA PRO A 64 7.76 16.68 -13.99
C PRO A 64 8.16 15.69 -15.07
N GLU A 65 8.67 16.22 -16.17
CA GLU A 65 9.10 15.39 -17.29
C GLU A 65 10.10 14.37 -16.76
N GLU A 66 10.94 14.82 -15.83
CA GLU A 66 11.96 13.96 -15.22
C GLU A 66 11.27 12.93 -14.35
N VAL A 67 10.70 13.41 -13.24
CA VAL A 67 10.01 12.57 -12.28
C VAL A 67 9.16 11.49 -12.95
N LEU A 68 8.17 11.89 -13.75
CA LEU A 68 7.32 10.91 -14.41
C LEU A 68 8.11 9.84 -15.16
N ARG A 69 9.20 10.25 -15.79
CA ARG A 69 10.03 9.32 -16.53
C ARG A 69 10.77 8.39 -15.57
N LEU A 70 11.16 8.92 -14.41
CA LEU A 70 11.87 8.14 -13.39
C LEU A 70 10.92 7.18 -12.70
N MET A 71 9.74 7.70 -12.33
CA MET A 71 8.70 6.91 -11.68
C MET A 71 8.41 5.69 -12.51
N GLU A 72 8.28 5.89 -13.82
CA GLU A 72 8.00 4.81 -14.74
C GLU A 72 9.19 3.87 -14.81
N GLU A 73 10.38 4.48 -14.90
CA GLU A 73 11.63 3.73 -14.99
C GLU A 73 11.78 2.74 -13.84
N ALA A 74 11.57 3.24 -12.62
CA ALA A 74 11.69 2.43 -11.41
C ALA A 74 10.39 1.71 -11.02
N ARG A 75 9.33 1.91 -11.81
CA ARG A 75 8.04 1.29 -11.56
C ARG A 75 7.51 1.62 -10.16
N LEU A 76 7.54 2.89 -9.81
CA LEU A 76 7.07 3.33 -8.50
C LEU A 76 5.60 3.78 -8.56
N GLN A 77 4.98 3.95 -7.41
CA GLN A 77 3.54 4.25 -7.39
C GLN A 77 3.16 5.64 -6.81
N VAL A 78 3.97 6.18 -5.91
CA VAL A 78 3.70 7.49 -5.33
C VAL A 78 4.95 8.33 -5.48
N ALA A 79 4.78 9.63 -5.74
CA ALA A 79 5.91 10.52 -5.91
C ALA A 79 6.01 11.48 -4.75
N GLN A 80 7.17 11.47 -4.10
CA GLN A 80 7.42 12.34 -2.96
C GLN A 80 8.33 13.47 -3.44
N LEU A 81 7.78 14.69 -3.47
CA LEU A 81 8.53 15.86 -3.89
C LEU A 81 9.16 16.46 -2.65
N HIS A 82 10.47 16.23 -2.51
CA HIS A 82 11.20 16.70 -1.35
C HIS A 82 11.97 18.00 -1.54
N GLY A 83 12.01 18.50 -2.77
CA GLY A 83 12.73 19.74 -3.02
C GLY A 83 11.89 20.95 -2.64
N GLU A 84 11.63 21.80 -3.62
CA GLU A 84 10.81 22.98 -3.41
C GLU A 84 10.02 23.21 -4.68
N GLU A 85 9.68 22.09 -5.32
CA GLU A 85 8.93 22.08 -6.57
C GLU A 85 7.68 22.95 -6.48
N PRO A 86 7.32 23.60 -7.60
CA PRO A 86 6.13 24.46 -7.67
C PRO A 86 4.85 23.66 -7.69
N PRO A 87 3.77 24.20 -7.10
CA PRO A 87 2.51 23.47 -7.10
C PRO A 87 2.15 23.08 -8.54
N GLU A 88 2.63 23.88 -9.49
CA GLU A 88 2.36 23.60 -10.90
C GLU A 88 2.93 22.22 -11.24
N TRP A 89 4.14 21.95 -10.77
CA TRP A 89 4.79 20.66 -11.00
C TRP A 89 4.09 19.54 -10.22
N ALA A 90 3.80 19.82 -8.96
CA ALA A 90 3.11 18.85 -8.12
C ALA A 90 1.82 18.44 -8.81
N GLU A 91 1.18 19.41 -9.45
CA GLU A 91 -0.07 19.17 -10.16
C GLU A 91 0.16 18.30 -11.38
N ALA A 92 1.20 18.60 -12.15
CA ALA A 92 1.53 17.83 -13.35
C ALA A 92 1.79 16.37 -13.02
N VAL A 93 2.59 16.12 -11.97
CA VAL A 93 2.88 14.75 -11.57
C VAL A 93 1.65 14.16 -10.89
N GLY A 94 0.99 14.98 -10.07
CA GLY A 94 -0.20 14.54 -9.35
C GLY A 94 -1.31 14.11 -10.29
N ARG A 95 -1.04 14.23 -11.59
CA ARG A 95 -2.00 13.86 -12.61
C ARG A 95 -1.80 12.39 -13.00
N PHE A 96 -0.73 11.80 -12.50
CA PHE A 96 -0.41 10.41 -12.80
C PHE A 96 -0.18 9.58 -11.53
N TYR A 97 0.26 10.25 -10.47
CA TYR A 97 0.55 9.57 -9.22
C TYR A 97 0.16 10.38 -7.99
N PRO A 98 -0.16 9.69 -6.88
CA PRO A 98 -0.50 10.45 -5.69
C PRO A 98 0.80 11.19 -5.34
N VAL A 99 0.69 12.35 -4.73
CA VAL A 99 1.87 13.15 -4.38
C VAL A 99 1.95 13.48 -2.90
N ILE A 100 3.17 13.38 -2.36
CA ILE A 100 3.42 13.74 -0.97
C ILE A 100 4.40 14.90 -1.08
N LYS A 101 4.11 16.01 -0.41
CA LYS A 101 5.00 17.14 -0.47
C LYS A 101 5.75 17.28 0.84
N ALA A 102 7.06 17.42 0.75
CA ALA A 102 7.91 17.57 1.93
C ALA A 102 7.98 19.04 2.30
N PHE A 103 8.06 19.32 3.61
CA PHE A 103 8.15 20.68 4.11
C PHE A 103 8.98 20.74 5.39
N PRO A 104 10.11 21.47 5.38
CA PRO A 104 10.99 21.60 6.54
C PRO A 104 10.31 22.37 7.67
N LEU A 105 10.68 22.07 8.91
CA LEU A 105 10.09 22.73 10.07
C LEU A 105 11.06 23.48 10.97
N GLU A 106 11.42 24.71 10.59
CA GLU A 106 12.32 25.51 11.41
C GLU A 106 11.56 26.17 12.54
N GLY A 107 10.41 25.59 12.88
CA GLY A 107 9.57 26.12 13.95
C GLY A 107 8.14 25.67 13.71
N PRO A 108 7.16 26.59 13.78
CA PRO A 108 5.76 26.21 13.54
C PRO A 108 5.49 26.07 12.05
N ALA A 109 4.53 25.23 11.69
CA ALA A 109 4.18 25.00 10.30
C ALA A 109 3.06 25.93 9.84
N ARG A 110 3.28 26.60 8.71
CA ARG A 110 2.27 27.51 8.17
C ARG A 110 1.08 26.70 7.65
N PRO A 111 -0.08 26.83 8.32
CA PRO A 111 -1.30 26.12 7.91
C PRO A 111 -1.62 26.27 6.43
N GLU A 112 -1.03 27.27 5.79
CA GLU A 112 -1.27 27.50 4.37
C GLU A 112 -0.67 26.36 3.55
N TRP A 113 0.13 25.50 4.19
CA TRP A 113 0.72 24.37 3.49
C TRP A 113 -0.37 23.33 3.22
N ALA A 114 -1.35 23.29 4.11
CA ALA A 114 -2.46 22.38 3.97
C ALA A 114 -3.19 22.78 2.69
N ASP A 115 -2.69 23.82 2.05
CA ASP A 115 -3.26 24.33 0.81
C ASP A 115 -2.48 23.80 -0.37
N TYR A 116 -1.30 23.25 -0.09
CA TYR A 116 -0.47 22.72 -1.16
C TYR A 116 -1.18 21.49 -1.72
N PRO A 117 -1.22 21.37 -3.05
CA PRO A 117 -1.87 20.25 -3.75
C PRO A 117 -1.10 18.93 -3.72
N ALA A 118 -1.26 18.19 -2.63
CA ALA A 118 -0.62 16.90 -2.45
C ALA A 118 -1.54 16.04 -1.56
N GLN A 119 -1.57 14.74 -1.77
CA GLN A 119 -2.42 13.86 -0.97
C GLN A 119 -1.92 13.74 0.46
N ALA A 120 -0.65 14.06 0.67
CA ALA A 120 -0.10 14.00 2.02
C ALA A 120 0.99 15.06 2.18
N LEU A 121 1.06 15.62 3.38
CA LEU A 121 2.05 16.65 3.69
C LEU A 121 3.01 16.09 4.73
N LEU A 122 4.30 16.10 4.40
CA LEU A 122 5.29 15.56 5.33
C LEU A 122 6.04 16.65 6.11
N LEU A 123 5.93 16.58 7.43
CA LEU A 123 6.58 17.54 8.31
C LEU A 123 7.95 17.04 8.78
N ASP A 124 9.00 17.42 8.05
CA ASP A 124 10.34 17.00 8.41
C ASP A 124 11.13 18.13 9.06
N GLY A 125 12.11 17.76 9.88
CA GLY A 125 12.92 18.72 10.65
C GLY A 125 13.74 19.62 9.72
N LYS A 126 14.59 20.43 10.34
CA LYS A 126 15.46 21.38 9.64
C LYS A 126 16.07 20.81 8.37
N ARG A 127 17.05 19.92 8.53
CA ARG A 127 17.71 19.30 7.38
C ARG A 127 17.03 17.98 6.99
N PRO A 128 16.97 17.68 5.69
CA PRO A 128 16.35 16.45 5.18
C PRO A 128 17.28 15.25 5.32
N GLY A 129 16.86 14.25 6.10
CA GLY A 129 17.67 13.07 6.28
C GLY A 129 18.95 13.33 7.05
N SER A 130 18.86 14.19 8.06
CA SER A 130 20.01 14.53 8.89
C SER A 130 19.75 14.03 10.30
N GLY A 131 18.79 13.13 10.43
CA GLY A 131 18.45 12.57 11.72
C GLY A 131 18.16 13.56 12.83
N GLU A 132 17.92 14.82 12.48
CA GLU A 132 17.64 15.83 13.51
C GLU A 132 16.14 15.94 13.79
N ALA A 133 15.79 15.70 15.05
CA ALA A 133 14.40 15.76 15.50
C ALA A 133 13.92 17.18 15.76
N TYR A 134 12.85 17.30 16.55
CA TYR A 134 12.28 18.59 16.88
C TYR A 134 11.16 18.44 17.91
N PRO A 135 10.66 19.57 18.45
CA PRO A 135 9.58 19.52 19.44
C PRO A 135 8.25 19.08 18.82
N ARG A 136 7.66 18.04 19.43
CA ARG A 136 6.40 17.46 18.98
C ARG A 136 5.30 18.45 18.60
N ALA A 137 5.22 19.56 19.30
CA ALA A 137 4.18 20.56 19.05
C ALA A 137 4.22 21.28 17.70
N TRP A 138 5.41 21.47 17.14
CA TRP A 138 5.55 22.16 15.86
C TRP A 138 4.65 21.66 14.73
N ALA A 139 3.93 20.57 14.96
CA ALA A 139 3.04 20.00 13.94
C ALA A 139 1.59 20.46 14.11
N LYS A 140 1.23 20.86 15.32
CA LYS A 140 -0.12 21.31 15.61
C LYS A 140 -0.79 22.14 14.51
N PRO A 141 -0.21 23.29 14.15
CA PRO A 141 -0.81 24.13 13.11
C PRO A 141 -1.22 23.42 11.82
N LEU A 142 -0.43 22.46 11.36
CA LEU A 142 -0.78 21.75 10.14
C LEU A 142 -1.75 20.62 10.42
N LEU A 143 -1.53 19.87 11.49
CA LEU A 143 -2.43 18.79 11.85
C LEU A 143 -3.83 19.36 12.00
N ALA A 144 -3.91 20.56 12.55
CA ALA A 144 -5.19 21.24 12.76
C ALA A 144 -6.02 21.36 11.49
N THR A 145 -5.35 21.58 10.35
CA THR A 145 -6.04 21.72 9.08
C THR A 145 -6.84 20.49 8.65
N GLY A 146 -6.59 19.36 9.30
CA GLY A 146 -7.32 18.16 8.95
C GLY A 146 -6.75 17.38 7.78
N ARG A 147 -5.77 17.96 7.10
CA ARG A 147 -5.15 17.30 5.97
C ARG A 147 -4.39 16.09 6.48
N ARG A 148 -4.15 15.11 5.61
CA ARG A 148 -3.40 13.94 6.01
C ARG A 148 -1.96 14.40 6.23
N VAL A 149 -1.47 14.20 7.44
CA VAL A 149 -0.10 14.61 7.78
C VAL A 149 0.77 13.42 8.15
N ILE A 150 1.97 13.41 7.60
CA ILE A 150 2.94 12.36 7.85
C ILE A 150 4.06 12.98 8.66
N LEU A 151 4.28 12.48 9.87
CA LEU A 151 5.35 12.98 10.73
C LEU A 151 6.65 12.23 10.52
N ALA A 152 7.73 12.99 10.33
CA ALA A 152 9.07 12.43 10.13
C ALA A 152 10.01 13.12 11.12
N GLY A 153 11.25 13.38 10.69
CA GLY A 153 12.21 14.04 11.54
C GLY A 153 12.66 13.30 12.79
N GLY A 154 13.72 12.52 12.64
CA GLY A 154 14.28 11.76 13.75
C GLY A 154 13.32 10.98 14.62
N ILE A 155 12.39 10.26 14.01
CA ILE A 155 11.49 9.46 14.79
C ILE A 155 12.14 8.11 15.04
N ALA A 156 11.94 7.56 16.23
CA ALA A 156 12.54 6.28 16.59
C ALA A 156 11.66 5.55 17.58
N PRO A 157 11.88 4.23 17.77
CA PRO A 157 11.06 3.47 18.71
C PRO A 157 11.06 3.98 20.15
N GLU A 158 12.05 4.77 20.52
CA GLU A 158 12.12 5.29 21.89
C GLU A 158 11.01 6.29 22.19
N ASN A 159 11.04 7.41 21.46
CA ASN A 159 10.09 8.50 21.63
C ASN A 159 8.82 8.39 20.78
N LEU A 160 8.27 7.20 20.66
CA LEU A 160 7.05 7.02 19.87
C LEU A 160 5.83 7.65 20.53
N GLU A 161 5.63 7.33 21.80
CA GLU A 161 4.51 7.85 22.59
C GLU A 161 4.18 9.31 22.27
N GLU A 162 5.21 10.09 21.99
CA GLU A 162 5.05 11.50 21.67
C GLU A 162 4.27 11.67 20.36
N VAL A 163 4.95 11.41 19.25
CA VAL A 163 4.34 11.52 17.93
C VAL A 163 3.04 10.72 17.80
N LEU A 164 3.03 9.53 18.39
CA LEU A 164 1.87 8.66 18.34
C LEU A 164 0.66 9.32 18.99
N ALA A 165 0.92 10.16 19.99
CA ALA A 165 -0.15 10.86 20.70
C ALA A 165 -0.94 11.77 19.77
N LEU A 166 -0.22 12.55 18.97
CA LEU A 166 -0.86 13.47 18.02
C LEU A 166 -1.83 12.74 17.08
N ARG A 167 -1.67 11.42 16.98
CA ARG A 167 -2.50 10.59 16.13
C ARG A 167 -2.59 11.06 14.66
N PRO A 168 -1.43 11.21 13.99
CA PRO A 168 -1.36 11.64 12.59
C PRO A 168 -1.72 10.49 11.64
N TYR A 169 -1.74 10.79 10.35
CA TYR A 169 -2.07 9.80 9.32
C TYR A 169 -1.06 8.65 9.32
N ALA A 170 0.22 9.01 9.34
CA ALA A 170 1.28 8.01 9.34
C ALA A 170 2.58 8.57 9.90
N LEU A 171 3.51 7.66 10.17
CA LEU A 171 4.84 8.01 10.69
C LEU A 171 5.83 7.62 9.61
N ASP A 172 6.86 8.44 9.43
CA ASP A 172 7.89 8.14 8.44
C ASP A 172 9.20 7.98 9.19
N LEU A 173 9.87 6.85 8.98
CA LEU A 173 11.14 6.60 9.65
C LEU A 173 12.29 6.29 8.71
N ALA A 174 13.49 6.65 9.16
CA ALA A 174 14.71 6.42 8.39
C ALA A 174 15.86 6.22 9.38
N SER A 175 16.47 7.32 9.83
CA SER A 175 17.58 7.23 10.77
C SER A 175 17.21 6.44 12.01
N GLY A 176 16.00 6.66 12.51
CA GLY A 176 15.55 5.97 13.70
C GLY A 176 15.61 4.45 13.65
N VAL A 177 15.79 3.90 12.46
CA VAL A 177 15.87 2.44 12.29
C VAL A 177 17.07 2.00 11.47
N GLU A 178 18.07 2.86 11.36
CA GLU A 178 19.26 2.53 10.59
C GLU A 178 20.48 2.32 11.47
N GLU A 179 21.43 1.52 11.00
CA GLU A 179 22.66 1.31 11.75
C GLU A 179 23.61 2.30 11.11
N ALA A 180 23.26 2.66 9.88
CA ALA A 180 24.02 3.62 9.08
C ALA A 180 23.06 4.24 8.08
N PRO A 181 23.39 5.43 7.55
CA PRO A 181 22.50 6.07 6.59
C PRO A 181 22.36 5.23 5.32
N GLY A 182 21.19 4.62 5.14
CA GLY A 182 20.95 3.80 3.97
C GLY A 182 20.96 2.32 4.28
N VAL A 183 21.33 1.98 5.51
CA VAL A 183 21.38 0.58 5.95
C VAL A 183 20.48 0.45 7.17
N LYS A 184 19.57 -0.51 7.13
CA LYS A 184 18.62 -0.69 8.24
C LYS A 184 19.10 -1.74 9.26
N SER A 185 18.60 -1.60 10.48
CA SER A 185 18.92 -2.52 11.56
C SER A 185 17.72 -3.41 11.82
N ALA A 186 17.89 -4.72 11.62
CA ALA A 186 16.81 -5.65 11.85
C ALA A 186 16.26 -5.47 13.26
N GLU A 187 17.18 -5.29 14.22
CA GLU A 187 16.82 -5.12 15.61
C GLU A 187 16.02 -3.83 15.82
N LYS A 188 16.52 -2.71 15.31
CA LYS A 188 15.82 -1.44 15.46
C LYS A 188 14.39 -1.57 14.92
N LEU A 189 14.27 -2.01 13.69
CA LEU A 189 12.97 -2.19 13.06
C LEU A 189 12.08 -3.08 13.93
N ARG A 190 12.62 -4.24 14.29
CA ARG A 190 11.90 -5.20 15.12
C ARG A 190 11.25 -4.52 16.32
N ALA A 191 12.07 -3.87 17.15
CA ALA A 191 11.58 -3.18 18.35
C ALA A 191 10.53 -2.13 17.99
N LEU A 192 10.85 -1.29 17.01
CA LEU A 192 9.93 -0.25 16.56
C LEU A 192 8.53 -0.81 16.41
N PHE A 193 8.39 -1.77 15.51
CA PHE A 193 7.11 -2.41 15.26
C PHE A 193 6.63 -3.22 16.46
N ALA A 194 7.54 -3.51 17.37
CA ALA A 194 7.17 -4.25 18.58
C ALA A 194 6.50 -3.25 19.51
N ARG A 195 7.08 -2.07 19.59
CA ARG A 195 6.55 -0.98 20.42
C ARG A 195 5.13 -0.66 19.98
N LEU A 196 4.97 -0.36 18.70
CA LEU A 196 3.67 0.00 18.12
C LEU A 196 2.52 -0.88 18.59
N ALA A 197 2.52 -2.15 18.22
CA ALA A 197 1.45 -3.05 18.62
C ALA A 197 1.27 -3.01 20.14
N SER A 198 2.37 -2.81 20.85
CA SER A 198 2.35 -2.74 22.31
C SER A 198 1.59 -1.50 22.76
N LEU A 199 1.61 -0.47 21.92
CA LEU A 199 0.91 0.77 22.20
C LEU A 199 -0.35 0.77 21.33
N ARG A 200 -1.06 -0.36 21.35
CA ARG A 200 -2.25 -0.58 20.54
C ARG A 200 -3.36 0.41 20.89
N MET B 1 -1.26 -8.97 9.98
CA MET B 1 -1.78 -9.62 8.75
C MET B 1 -2.26 -8.56 7.76
N ARG B 2 -1.91 -8.72 6.49
CA ARG B 2 -2.34 -7.76 5.48
C ARG B 2 -3.76 -8.06 5.02
N VAL B 3 -4.57 -7.02 4.92
CA VAL B 3 -5.94 -7.19 4.49
C VAL B 3 -6.33 -6.32 3.32
N LYS B 4 -7.03 -6.91 2.37
CA LYS B 4 -7.52 -6.17 1.23
C LYS B 4 -9.04 -6.23 1.29
N ILE B 5 -9.69 -5.09 1.09
CA ILE B 5 -11.14 -5.04 1.08
C ILE B 5 -11.49 -4.86 -0.38
N CYS B 6 -12.16 -5.85 -0.95
CA CYS B 6 -12.52 -5.82 -2.37
C CYS B 6 -13.96 -5.35 -2.61
N GLY B 7 -14.31 -5.15 -3.87
CA GLY B 7 -15.65 -4.73 -4.23
C GLY B 7 -16.10 -3.34 -3.79
N ILE B 8 -15.17 -2.40 -3.73
CA ILE B 8 -15.52 -1.04 -3.31
C ILE B 8 -16.32 -0.35 -4.42
N THR B 9 -17.46 0.24 -4.05
CA THR B 9 -18.27 0.96 -5.03
C THR B 9 -18.65 2.34 -4.50
N ARG B 10 -18.32 2.62 -3.24
CA ARG B 10 -18.66 3.89 -2.62
C ARG B 10 -17.51 4.47 -1.81
N LEU B 11 -17.39 5.80 -1.86
CA LEU B 11 -16.37 6.54 -1.13
C LEU B 11 -16.42 6.25 0.38
N GLU B 12 -17.61 6.30 0.98
CA GLU B 12 -17.70 6.05 2.42
C GLU B 12 -17.09 4.70 2.80
N ASP B 13 -17.31 3.68 1.99
CA ASP B 13 -16.72 2.37 2.28
C ASP B 13 -15.20 2.39 2.12
N ALA B 14 -14.70 3.05 1.08
CA ALA B 14 -13.26 3.13 0.87
C ALA B 14 -12.58 3.84 2.05
N LEU B 15 -13.16 4.96 2.47
CA LEU B 15 -12.61 5.74 3.58
C LEU B 15 -12.60 4.99 4.90
N LEU B 16 -13.68 4.27 5.20
CA LEU B 16 -13.73 3.52 6.45
C LEU B 16 -12.70 2.39 6.42
N ALA B 17 -12.68 1.63 5.32
CA ALA B 17 -11.72 0.53 5.21
C ALA B 17 -10.31 1.08 5.40
N GLU B 18 -10.02 2.20 4.74
CA GLU B 18 -8.70 2.82 4.87
C GLU B 18 -8.43 3.20 6.34
N ALA B 19 -9.39 3.86 6.96
CA ALA B 19 -9.23 4.28 8.36
C ALA B 19 -9.00 3.10 9.29
N LEU B 20 -9.67 1.99 9.03
CA LEU B 20 -9.54 0.80 9.88
C LEU B 20 -8.21 0.07 9.70
N GLY B 21 -7.44 0.42 8.68
CA GLY B 21 -6.16 -0.23 8.50
C GLY B 21 -5.96 -1.19 7.34
N ALA B 22 -6.82 -1.14 6.33
CA ALA B 22 -6.67 -2.02 5.19
C ALA B 22 -5.43 -1.61 4.38
N PHE B 23 -4.70 -2.61 3.88
CA PHE B 23 -3.51 -2.34 3.08
C PHE B 23 -3.88 -2.10 1.61
N ALA B 24 -5.01 -2.66 1.18
CA ALA B 24 -5.44 -2.51 -0.20
C ALA B 24 -6.96 -2.47 -0.38
N LEU B 25 -7.40 -1.86 -1.49
CA LEU B 25 -8.83 -1.76 -1.80
C LEU B 25 -9.03 -2.23 -3.23
N GLY B 26 -10.05 -3.06 -3.43
CA GLY B 26 -10.35 -3.59 -4.75
C GLY B 26 -11.46 -2.83 -5.45
N PHE B 27 -11.24 -2.56 -6.73
CA PHE B 27 -12.19 -1.87 -7.59
C PHE B 27 -12.44 -2.80 -8.79
N VAL B 28 -13.62 -3.41 -8.80
CA VAL B 28 -13.99 -4.34 -9.87
C VAL B 28 -14.37 -3.66 -11.17
N LEU B 29 -13.65 -4.00 -12.24
CA LEU B 29 -13.89 -3.40 -13.54
C LEU B 29 -14.24 -4.49 -14.56
N ALA B 30 -14.67 -5.64 -14.07
CA ALA B 30 -15.04 -6.76 -14.93
C ALA B 30 -16.55 -6.77 -15.24
N PRO B 31 -16.92 -6.62 -16.52
CA PRO B 31 -18.35 -6.63 -16.88
C PRO B 31 -18.96 -7.95 -16.40
N GLY B 32 -20.20 -7.89 -15.92
CA GLY B 32 -20.83 -9.11 -15.43
C GLY B 32 -20.70 -9.34 -13.92
N SER B 33 -19.85 -8.56 -13.26
CA SER B 33 -19.67 -8.71 -11.81
C SER B 33 -20.72 -7.93 -11.01
N ARG B 34 -21.15 -8.48 -9.89
CA ARG B 34 -22.14 -7.80 -9.05
C ARG B 34 -21.59 -6.54 -8.38
N ARG B 35 -20.28 -6.50 -8.15
CA ARG B 35 -19.66 -5.35 -7.50
C ARG B 35 -18.90 -4.41 -8.45
N ARG B 36 -19.26 -4.46 -9.73
CA ARG B 36 -18.61 -3.63 -10.74
C ARG B 36 -18.74 -2.13 -10.46
N ILE B 37 -17.69 -1.38 -10.75
CA ILE B 37 -17.71 0.06 -10.55
C ILE B 37 -17.14 0.76 -11.78
N ALA B 38 -17.65 1.94 -12.10
CA ALA B 38 -17.16 2.69 -13.25
C ALA B 38 -15.72 3.16 -13.02
N PRO B 39 -14.85 2.96 -14.02
CA PRO B 39 -13.44 3.34 -13.82
C PRO B 39 -13.27 4.82 -13.42
N GLU B 40 -14.07 5.73 -13.98
CA GLU B 40 -13.97 7.13 -13.61
C GLU B 40 -14.36 7.31 -12.14
N ALA B 41 -15.24 6.44 -11.64
CA ALA B 41 -15.65 6.55 -10.24
C ALA B 41 -14.53 6.06 -9.34
N ALA B 42 -13.86 4.98 -9.74
CA ALA B 42 -12.74 4.44 -8.95
C ALA B 42 -11.64 5.50 -8.87
N ARG B 43 -11.44 6.23 -9.95
CA ARG B 43 -10.43 7.29 -9.96
C ARG B 43 -10.82 8.38 -8.97
N ALA B 44 -12.08 8.82 -9.03
CA ALA B 44 -12.55 9.87 -8.13
C ALA B 44 -12.36 9.45 -6.68
N ILE B 45 -12.79 8.24 -6.34
CA ILE B 45 -12.62 7.76 -4.97
C ILE B 45 -11.13 7.75 -4.66
N GLY B 46 -10.32 7.39 -5.64
CA GLY B 46 -8.88 7.36 -5.45
C GLY B 46 -8.33 8.71 -5.01
N GLU B 47 -8.83 9.79 -5.58
CA GLU B 47 -8.35 11.13 -5.24
C GLU B 47 -8.64 11.49 -3.79
N ALA B 48 -9.56 10.75 -3.17
CA ALA B 48 -9.94 11.01 -1.79
C ALA B 48 -9.14 10.20 -0.78
N LEU B 49 -8.43 9.18 -1.26
CA LEU B 49 -7.65 8.31 -0.38
C LEU B 49 -6.25 8.83 -0.08
N GLY B 50 -5.65 8.32 1.00
CA GLY B 50 -4.30 8.70 1.35
C GLY B 50 -3.33 7.94 0.46
N PRO B 51 -2.05 8.34 0.40
CA PRO B 51 -1.08 7.64 -0.45
C PRO B 51 -0.62 6.25 -0.01
N PHE B 52 -0.88 5.90 1.24
CA PHE B 52 -0.42 4.61 1.74
C PHE B 52 -1.45 3.48 1.79
N VAL B 53 -2.18 3.31 0.70
CA VAL B 53 -3.13 2.23 0.58
C VAL B 53 -3.04 1.86 -0.89
N VAL B 54 -2.95 0.57 -1.17
CA VAL B 54 -2.83 0.12 -2.54
C VAL B 54 -4.19 0.00 -3.23
N ARG B 55 -4.29 0.57 -4.42
CA ARG B 55 -5.51 0.52 -5.22
C ARG B 55 -5.42 -0.63 -6.23
N VAL B 56 -6.30 -1.60 -6.08
CA VAL B 56 -6.31 -2.78 -6.94
C VAL B 56 -7.47 -2.83 -7.94
N GLY B 57 -7.16 -3.15 -9.20
CA GLY B 57 -8.18 -3.28 -10.22
C GLY B 57 -8.46 -4.76 -10.39
N VAL B 58 -9.74 -5.13 -10.43
CA VAL B 58 -10.06 -6.55 -10.59
C VAL B 58 -10.68 -6.78 -11.96
N PHE B 59 -10.13 -7.75 -12.68
CA PHE B 59 -10.59 -8.04 -14.03
C PHE B 59 -10.90 -9.51 -14.20
N ARG B 60 -11.59 -9.82 -15.30
CA ARG B 60 -11.94 -11.19 -15.58
C ARG B 60 -12.01 -11.43 -17.09
N ASP B 61 -11.10 -12.25 -17.57
CA ASP B 61 -11.01 -12.61 -18.98
C ASP B 61 -10.98 -11.42 -19.92
N GLN B 62 -10.30 -10.37 -19.48
CA GLN B 62 -10.15 -9.23 -20.33
C GLN B 62 -8.72 -9.17 -20.79
N PRO B 63 -8.52 -8.92 -22.10
CA PRO B 63 -7.17 -8.89 -22.70
C PRO B 63 -6.28 -7.81 -22.12
N PRO B 64 -4.95 -8.03 -22.16
CA PRO B 64 -3.97 -7.07 -21.64
C PRO B 64 -4.23 -5.63 -22.00
N GLU B 65 -4.47 -5.36 -23.28
CA GLU B 65 -4.70 -4.00 -23.70
C GLU B 65 -5.92 -3.35 -23.03
N GLU B 66 -6.95 -4.13 -22.76
CA GLU B 66 -8.14 -3.60 -22.08
C GLU B 66 -7.76 -3.33 -20.61
N VAL B 67 -7.13 -4.32 -19.98
CA VAL B 67 -6.71 -4.21 -18.59
C VAL B 67 -5.85 -2.96 -18.40
N LEU B 68 -4.86 -2.78 -19.26
CA LEU B 68 -3.97 -1.62 -19.19
C LEU B 68 -4.72 -0.32 -19.40
N ARG B 69 -5.71 -0.33 -20.30
CA ARG B 69 -6.49 0.86 -20.55
C ARG B 69 -7.26 1.21 -19.26
N LEU B 70 -7.98 0.22 -18.72
CA LEU B 70 -8.74 0.43 -17.48
C LEU B 70 -7.86 0.88 -16.31
N MET B 71 -6.74 0.20 -16.10
CA MET B 71 -5.83 0.57 -15.01
C MET B 71 -5.48 2.06 -15.12
N GLU B 72 -5.24 2.52 -16.34
CA GLU B 72 -4.88 3.91 -16.60
C GLU B 72 -6.07 4.83 -16.33
N GLU B 73 -7.23 4.48 -16.87
CA GLU B 73 -8.41 5.32 -16.69
C GLU B 73 -8.78 5.45 -15.20
N ALA B 74 -8.76 4.34 -14.46
CA ALA B 74 -9.13 4.39 -13.05
C ALA B 74 -7.96 4.75 -12.13
N ARG B 75 -6.77 4.92 -12.70
CA ARG B 75 -5.57 5.26 -11.93
C ARG B 75 -5.29 4.25 -10.82
N LEU B 76 -5.30 2.98 -11.18
CA LEU B 76 -5.07 1.92 -10.21
C LEU B 76 -3.60 1.49 -10.22
N GLN B 77 -3.19 0.74 -9.21
CA GLN B 77 -1.75 0.39 -9.09
C GLN B 77 -1.43 -1.12 -9.25
N VAL B 78 -2.36 -2.01 -8.91
CA VAL B 78 -2.14 -3.45 -9.05
C VAL B 78 -3.32 -4.03 -9.83
N ALA B 79 -3.02 -5.01 -10.68
CA ALA B 79 -4.04 -5.64 -11.49
C ALA B 79 -4.31 -7.06 -10.99
N GLN B 80 -5.57 -7.32 -10.63
CA GLN B 80 -5.98 -8.65 -10.19
C GLN B 80 -6.75 -9.33 -11.34
N LEU B 81 -6.17 -10.41 -11.85
CA LEU B 81 -6.75 -11.17 -12.97
C LEU B 81 -7.55 -12.31 -12.37
N HIS B 82 -8.87 -12.19 -12.41
CA HIS B 82 -9.75 -13.17 -11.79
C HIS B 82 -10.46 -14.17 -12.71
N GLY B 83 -9.98 -14.33 -13.93
CA GLY B 83 -10.60 -15.28 -14.84
C GLY B 83 -9.69 -16.46 -15.16
N GLU B 84 -9.56 -16.77 -16.44
CA GLU B 84 -8.71 -17.88 -16.88
C GLU B 84 -7.57 -17.33 -17.74
N GLU B 85 -7.07 -16.15 -17.38
CA GLU B 85 -5.99 -15.50 -18.11
C GLU B 85 -4.73 -16.36 -18.23
N PRO B 86 -4.21 -16.55 -19.45
CA PRO B 86 -2.99 -17.35 -19.65
C PRO B 86 -1.76 -16.55 -19.17
N PRO B 87 -0.64 -17.23 -18.86
CA PRO B 87 0.56 -16.53 -18.39
C PRO B 87 0.99 -15.37 -19.31
N GLU B 88 0.82 -15.56 -20.61
CA GLU B 88 1.22 -14.53 -21.56
C GLU B 88 0.55 -13.21 -21.25
N TRP B 89 -0.73 -13.26 -20.89
CA TRP B 89 -1.47 -12.04 -20.57
C TRP B 89 -0.95 -11.42 -19.28
N ALA B 90 -0.71 -12.26 -18.28
CA ALA B 90 -0.20 -11.80 -16.99
C ALA B 90 1.16 -11.11 -17.19
N GLU B 91 2.03 -11.70 -18.01
CA GLU B 91 3.34 -11.11 -18.31
C GLU B 91 3.19 -9.77 -19.00
N ALA B 92 2.23 -9.68 -19.91
CA ALA B 92 2.02 -8.44 -20.64
C ALA B 92 1.55 -7.33 -19.72
N VAL B 93 0.64 -7.64 -18.81
CA VAL B 93 0.16 -6.62 -17.89
C VAL B 93 1.24 -6.32 -16.86
N GLY B 94 1.98 -7.37 -16.49
CA GLY B 94 3.04 -7.24 -15.51
C GLY B 94 4.24 -6.37 -15.87
N ARG B 95 4.31 -5.98 -17.14
CA ARG B 95 5.39 -5.11 -17.60
C ARG B 95 5.15 -3.75 -16.99
N PHE B 96 3.90 -3.48 -16.65
CA PHE B 96 3.55 -2.18 -16.10
C PHE B 96 3.06 -2.15 -14.67
N TYR B 97 2.39 -3.21 -14.24
CA TYR B 97 1.83 -3.25 -12.89
C TYR B 97 2.03 -4.59 -12.21
N PRO B 98 2.08 -4.58 -10.86
CA PRO B 98 2.23 -5.88 -10.19
C PRO B 98 0.93 -6.62 -10.52
N VAL B 99 1.01 -7.94 -10.57
CA VAL B 99 -0.17 -8.74 -10.93
C VAL B 99 -0.52 -9.79 -9.89
N ILE B 100 -1.82 -9.91 -9.60
CA ILE B 100 -2.29 -10.93 -8.68
C ILE B 100 -3.17 -11.85 -9.54
N LYS B 101 -2.93 -13.15 -9.46
CA LYS B 101 -3.72 -14.11 -10.23
C LYS B 101 -4.56 -14.94 -9.26
N ALA B 102 -5.85 -15.01 -9.54
CA ALA B 102 -6.77 -15.77 -8.69
C ALA B 102 -6.97 -17.18 -9.25
N PHE B 103 -7.16 -18.13 -8.34
CA PHE B 103 -7.40 -19.53 -8.71
C PHE B 103 -8.61 -20.01 -7.91
N PRO B 104 -9.70 -20.39 -8.61
CA PRO B 104 -10.89 -20.87 -7.90
C PRO B 104 -10.62 -22.28 -7.39
N LEU B 105 -10.64 -22.46 -6.08
CA LEU B 105 -10.39 -23.78 -5.50
C LEU B 105 -11.60 -24.70 -5.56
N GLU B 106 -11.39 -25.90 -6.09
CA GLU B 106 -12.46 -26.89 -6.21
C GLU B 106 -11.94 -28.14 -5.53
N GLY B 107 -10.73 -28.02 -4.98
CA GLY B 107 -10.08 -29.10 -4.28
C GLY B 107 -8.73 -28.58 -3.83
N PRO B 108 -7.86 -29.43 -3.26
CA PRO B 108 -6.56 -28.93 -2.82
C PRO B 108 -5.85 -28.15 -3.94
N ALA B 109 -5.18 -27.07 -3.55
CA ALA B 109 -4.47 -26.22 -4.48
C ALA B 109 -3.31 -26.93 -5.18
N ARG B 110 -3.09 -26.60 -6.44
CA ARG B 110 -2.01 -27.18 -7.24
C ARG B 110 -0.69 -26.46 -6.94
N PRO B 111 0.32 -27.19 -6.44
CA PRO B 111 1.59 -26.52 -6.15
C PRO B 111 2.24 -25.91 -7.40
N GLU B 112 1.95 -26.46 -8.56
CA GLU B 112 2.53 -25.94 -9.80
C GLU B 112 2.01 -24.55 -10.14
N TRP B 113 1.00 -24.09 -9.40
CA TRP B 113 0.46 -22.75 -9.64
C TRP B 113 1.49 -21.70 -9.22
N ALA B 114 2.48 -22.14 -8.46
CA ALA B 114 3.55 -21.27 -8.01
C ALA B 114 4.35 -20.78 -9.22
N ASP B 115 4.21 -21.48 -10.35
CA ASP B 115 4.91 -21.11 -11.59
C ASP B 115 4.20 -20.04 -12.39
N TYR B 116 2.97 -19.70 -12.02
CA TYR B 116 2.27 -18.66 -12.78
C TYR B 116 2.97 -17.33 -12.49
N PRO B 117 3.18 -16.52 -13.52
CA PRO B 117 3.84 -15.21 -13.42
C PRO B 117 2.99 -14.10 -12.81
N ALA B 118 2.94 -14.07 -11.48
CA ALA B 118 2.18 -13.07 -10.74
C ALA B 118 2.89 -12.83 -9.41
N GLN B 119 2.80 -11.60 -8.88
CA GLN B 119 3.46 -11.29 -7.62
C GLN B 119 2.77 -11.90 -6.41
N ALA B 120 1.55 -12.41 -6.63
CA ALA B 120 0.79 -13.04 -5.56
C ALA B 120 -0.29 -13.92 -6.18
N LEU B 121 -0.60 -15.02 -5.51
CA LEU B 121 -1.59 -15.98 -5.99
C LEU B 121 -2.76 -15.97 -5.01
N LEU B 122 -3.95 -15.67 -5.52
CA LEU B 122 -5.13 -15.59 -4.67
C LEU B 122 -5.99 -16.85 -4.82
N LEU B 123 -6.36 -17.42 -3.68
CA LEU B 123 -7.17 -18.64 -3.66
C LEU B 123 -8.60 -18.28 -3.25
N ASP B 124 -9.51 -18.41 -4.22
CA ASP B 124 -10.91 -18.09 -4.02
C ASP B 124 -11.73 -19.38 -4.04
N GLY B 125 -13.02 -19.25 -3.77
CA GLY B 125 -13.91 -20.40 -3.78
C GLY B 125 -14.25 -20.79 -5.19
N LYS B 126 -14.91 -21.93 -5.34
CA LYS B 126 -15.31 -22.46 -6.64
C LYS B 126 -16.03 -21.42 -7.50
N ARG B 127 -16.78 -20.53 -6.86
CA ARG B 127 -17.53 -19.50 -7.57
C ARG B 127 -17.24 -18.10 -7.01
N PRO B 128 -16.25 -17.40 -7.59
CA PRO B 128 -15.88 -16.05 -7.15
C PRO B 128 -17.07 -15.09 -7.00
N GLY B 129 -17.08 -14.33 -5.91
CA GLY B 129 -18.14 -13.38 -5.68
C GLY B 129 -19.36 -13.96 -4.98
N SER B 130 -19.38 -15.28 -4.83
CA SER B 130 -20.50 -15.97 -4.18
C SER B 130 -20.43 -15.85 -2.66
N GLY B 131 -19.24 -15.63 -2.14
CA GLY B 131 -19.08 -15.53 -0.70
C GLY B 131 -18.98 -16.90 -0.09
N GLU B 132 -18.95 -17.92 -0.95
CA GLU B 132 -18.83 -19.30 -0.48
C GLU B 132 -17.43 -19.59 0.04
N ALA B 133 -17.35 -20.30 1.15
CA ALA B 133 -16.08 -20.65 1.74
C ALA B 133 -15.64 -21.99 1.20
N TYR B 134 -14.52 -22.49 1.69
CA TYR B 134 -13.99 -23.78 1.27
C TYR B 134 -13.03 -24.27 2.36
N PRO B 135 -12.80 -25.58 2.44
CA PRO B 135 -11.89 -26.12 3.46
C PRO B 135 -10.54 -25.40 3.33
N ARG B 136 -10.13 -24.73 4.39
CA ARG B 136 -8.88 -23.97 4.37
C ARG B 136 -7.62 -24.79 4.16
N ALA B 137 -7.59 -26.01 4.69
CA ALA B 137 -6.41 -26.86 4.53
C ALA B 137 -6.00 -26.97 3.06
N TRP B 138 -6.99 -26.84 2.17
CA TRP B 138 -6.76 -26.89 0.73
C TRP B 138 -5.66 -25.91 0.29
N ALA B 139 -5.36 -24.93 1.14
CA ALA B 139 -4.36 -23.93 0.83
C ALA B 139 -2.93 -24.43 1.07
N LYS B 140 -2.79 -25.42 1.94
CA LYS B 140 -1.49 -26.00 2.29
C LYS B 140 -0.54 -26.24 1.12
N PRO B 141 -0.94 -27.05 0.13
CA PRO B 141 -0.08 -27.32 -1.02
C PRO B 141 0.58 -26.10 -1.66
N LEU B 142 -0.16 -24.99 -1.79
CA LEU B 142 0.40 -23.80 -2.40
C LEU B 142 1.22 -23.01 -1.40
N LEU B 143 0.69 -22.85 -0.18
CA LEU B 143 1.43 -22.12 0.84
C LEU B 143 2.80 -22.76 1.01
N ALA B 144 2.84 -24.08 0.93
CA ALA B 144 4.07 -24.84 1.07
C ALA B 144 5.17 -24.37 0.10
N THR B 145 4.77 -23.96 -1.11
CA THR B 145 5.74 -23.52 -2.10
C THR B 145 6.53 -22.28 -1.71
N GLY B 146 6.08 -21.57 -0.67
CA GLY B 146 6.79 -20.39 -0.24
C GLY B 146 6.41 -19.10 -0.98
N ARG B 147 5.58 -19.19 -2.00
CA ARG B 147 5.17 -17.99 -2.72
C ARG B 147 4.10 -17.22 -1.95
N ARG B 148 3.92 -15.95 -2.29
CA ARG B 148 2.96 -15.12 -1.60
C ARG B 148 1.55 -15.54 -1.98
N VAL B 149 0.79 -15.97 -0.98
CA VAL B 149 -0.58 -16.42 -1.18
C VAL B 149 -1.58 -15.54 -0.44
N ILE B 150 -2.65 -15.20 -1.15
CA ILE B 150 -3.70 -14.37 -0.59
C ILE B 150 -4.92 -15.27 -0.48
N LEU B 151 -5.46 -15.41 0.74
CA LEU B 151 -6.64 -16.22 0.95
C LEU B 151 -7.92 -15.41 0.88
N ALA B 152 -8.88 -15.90 0.10
CA ALA B 152 -10.17 -15.27 -0.06
C ALA B 152 -11.25 -16.32 0.18
N GLY B 153 -12.36 -16.23 -0.56
CA GLY B 153 -13.42 -17.21 -0.40
C GLY B 153 -14.17 -17.18 0.93
N GLY B 154 -15.23 -16.37 0.97
CA GLY B 154 -16.06 -16.27 2.16
C GLY B 154 -15.35 -16.09 3.49
N ILE B 155 -14.36 -15.21 3.54
CA ILE B 155 -13.67 -14.99 4.80
C ILE B 155 -14.48 -13.93 5.55
N ALA B 156 -14.56 -14.06 6.87
CA ALA B 156 -15.33 -13.12 7.68
C ALA B 156 -14.72 -13.04 9.08
N PRO B 157 -15.07 -12.01 9.86
CA PRO B 157 -14.52 -11.86 11.21
C PRO B 157 -14.77 -13.09 12.11
N GLU B 158 -15.73 -13.93 11.72
CA GLU B 158 -16.08 -15.11 12.50
C GLU B 158 -15.15 -16.30 12.26
N ASN B 159 -14.57 -16.40 11.07
CA ASN B 159 -13.67 -17.51 10.75
C ASN B 159 -12.21 -17.14 10.56
N LEU B 160 -11.79 -16.04 11.18
CA LEU B 160 -10.41 -15.58 11.06
C LEU B 160 -9.33 -16.53 11.56
N GLU B 161 -9.61 -17.22 12.67
CA GLU B 161 -8.65 -18.12 13.29
C GLU B 161 -8.02 -19.12 12.34
N GLU B 162 -8.85 -19.84 11.60
CA GLU B 162 -8.36 -20.86 10.69
C GLU B 162 -7.38 -20.31 9.65
N VAL B 163 -7.77 -19.29 8.90
CA VAL B 163 -6.87 -18.73 7.89
C VAL B 163 -5.68 -18.00 8.50
N LEU B 164 -5.89 -17.37 9.65
CA LEU B 164 -4.81 -16.67 10.31
C LEU B 164 -3.73 -17.69 10.66
N ALA B 165 -4.18 -18.89 11.01
CA ALA B 165 -3.27 -19.97 11.38
C ALA B 165 -2.41 -20.43 10.20
N LEU B 166 -2.92 -20.24 8.98
CA LEU B 166 -2.19 -20.62 7.78
C LEU B 166 -1.07 -19.64 7.45
N ARG B 167 -1.04 -18.51 8.16
CA ARG B 167 -0.02 -17.49 7.96
C ARG B 167 0.23 -17.07 6.51
N PRO B 168 -0.83 -16.82 5.73
CA PRO B 168 -0.60 -16.41 4.35
C PRO B 168 -0.11 -14.96 4.27
N TYR B 169 0.21 -14.52 3.06
CA TYR B 169 0.69 -13.16 2.81
C TYR B 169 -0.39 -12.13 3.18
N ALA B 170 -1.62 -12.40 2.78
CA ALA B 170 -2.73 -11.48 3.06
C ALA B 170 -4.08 -12.18 2.98
N LEU B 171 -5.11 -11.49 3.47
CA LEU B 171 -6.47 -12.00 3.42
C LEU B 171 -7.26 -11.03 2.53
N ASP B 172 -8.17 -11.58 1.73
CA ASP B 172 -8.98 -10.76 0.86
C ASP B 172 -10.44 -10.93 1.28
N LEU B 173 -11.12 -9.82 1.56
CA LEU B 173 -12.51 -9.89 1.97
C LEU B 173 -13.47 -9.05 1.13
N ALA B 174 -14.70 -9.54 1.03
CA ALA B 174 -15.74 -8.88 0.29
C ALA B 174 -17.09 -9.16 0.96
N SER B 175 -17.70 -10.30 0.64
CA SER B 175 -18.98 -10.67 1.22
C SER B 175 -18.94 -10.68 2.73
N GLY B 176 -17.85 -11.18 3.30
CA GLY B 176 -17.71 -11.26 4.74
C GLY B 176 -17.87 -9.94 5.48
N VAL B 177 -17.82 -8.82 4.76
CA VAL B 177 -17.96 -7.51 5.39
C VAL B 177 -18.98 -6.63 4.69
N GLU B 178 -19.90 -7.26 3.95
CA GLU B 178 -20.91 -6.51 3.24
C GLU B 178 -22.32 -6.69 3.78
N GLU B 179 -23.15 -5.69 3.54
CA GLU B 179 -24.55 -5.75 3.90
C GLU B 179 -25.25 -6.22 2.63
N ALA B 180 -24.67 -5.88 1.50
CA ALA B 180 -25.16 -6.23 0.17
C ALA B 180 -23.97 -6.20 -0.77
N PRO B 181 -24.03 -6.95 -1.88
CA PRO B 181 -22.89 -6.93 -2.79
C PRO B 181 -22.51 -5.51 -3.25
N GLY B 182 -21.26 -5.13 -2.97
CA GLY B 182 -20.80 -3.81 -3.34
C GLY B 182 -21.09 -2.75 -2.30
N VAL B 183 -21.83 -3.12 -1.26
CA VAL B 183 -22.20 -2.19 -0.19
C VAL B 183 -21.70 -2.77 1.13
N LYS B 184 -20.64 -2.16 1.66
CA LYS B 184 -20.02 -2.62 2.89
C LYS B 184 -20.81 -2.23 4.12
N SER B 185 -20.64 -3.03 5.17
CA SER B 185 -21.30 -2.79 6.44
C SER B 185 -20.30 -2.22 7.42
N ALA B 186 -20.54 -1.01 7.89
CA ALA B 186 -19.64 -0.37 8.85
C ALA B 186 -19.43 -1.28 10.05
N GLU B 187 -20.51 -1.86 10.55
CA GLU B 187 -20.42 -2.74 11.71
C GLU B 187 -19.48 -3.91 11.43
N LYS B 188 -19.68 -4.58 10.30
CA LYS B 188 -18.83 -5.71 9.94
C LYS B 188 -17.37 -5.31 9.71
N LEU B 189 -17.14 -4.18 9.05
CA LEU B 189 -15.78 -3.71 8.81
C LEU B 189 -15.07 -3.46 10.15
N ARG B 190 -15.74 -2.78 11.08
CA ARG B 190 -15.12 -2.51 12.37
C ARG B 190 -14.92 -3.82 13.13
N ALA B 191 -15.88 -4.72 13.04
CA ALA B 191 -15.76 -6.00 13.72
C ALA B 191 -14.51 -6.72 13.22
N LEU B 192 -14.36 -6.80 11.90
CA LEU B 192 -13.20 -7.46 11.31
C LEU B 192 -11.86 -6.95 11.84
N PHE B 193 -11.63 -5.65 11.76
CA PHE B 193 -10.35 -5.12 12.21
C PHE B 193 -10.15 -5.15 13.71
N ALA B 194 -11.25 -5.25 14.46
CA ALA B 194 -11.15 -5.32 15.91
C ALA B 194 -10.74 -6.76 16.25
N ARG B 195 -11.36 -7.71 15.55
CA ARG B 195 -11.08 -9.13 15.74
C ARG B 195 -9.63 -9.46 15.38
N LEU B 196 -9.10 -8.76 14.38
CA LEU B 196 -7.70 -8.96 13.95
C LEU B 196 -6.73 -8.44 15.01
N ALA B 197 -6.91 -7.19 15.39
CA ALA B 197 -6.04 -6.58 16.40
C ALA B 197 -6.07 -7.43 17.67
N SER B 198 -7.24 -7.99 17.96
CA SER B 198 -7.43 -8.82 19.14
C SER B 198 -6.79 -10.20 19.01
N LEU B 199 -6.41 -10.56 17.79
CA LEU B 199 -5.77 -11.85 17.53
C LEU B 199 -4.34 -11.68 17.07
N ARG B 200 -3.77 -10.52 17.34
CA ARG B 200 -2.38 -10.26 16.96
C ARG B 200 -1.46 -11.15 17.76
#